data_7DH8
#
_entry.id   7DH8
#
_cell.length_a   34.560
_cell.length_b   122.900
_cell.length_c   86.890
_cell.angle_alpha   90.000
_cell.angle_beta   90.000
_cell.angle_gamma   90.000
#
_symmetry.space_group_name_H-M   'C 2 2 21'
#
loop_
_entity.id
_entity.type
_entity.pdbx_description
1 polymer 'Transcriptional regulator fur family'
2 non-polymer 'ZINC ION'
3 water water
#
_entity_poly.entity_id   1
_entity_poly.type   'polypeptide(L)'
_entity_poly.pdbx_seq_one_letter_code
;MGSSHHHHHHSQGSTAPHHHVDDANSFVRAVERACSERGLRLTPIRANVLRLIADAGKPVKAYELLDWVREGKGVGADAP
PTVYRALDFLMANGFVHKLESVNAFVACHHPNSAQHSVPFLICDRCHSAVELEDRDVVSQLEARAKALGFQPQAQTLEVH
GLCAKCAAAG
;
_entity_poly.pdbx_strand_id   A
#
loop_
_chem_comp.id
_chem_comp.type
_chem_comp.name
_chem_comp.formula
ZN non-polymer 'ZINC ION' 'Zn 2'
#
# COMPACT_ATOMS: atom_id res chain seq x y z
N ALA A 24 -10.44 -6.65 -8.12
CA ALA A 24 -10.47 -7.61 -7.00
C ALA A 24 -9.84 -8.91 -7.50
N ASN A 25 -10.66 -9.79 -8.04
CA ASN A 25 -9.98 -10.93 -8.72
C ASN A 25 -9.32 -10.25 -9.94
N SER A 26 -10.09 -9.47 -10.69
CA SER A 26 -9.54 -8.72 -11.84
C SER A 26 -8.32 -7.88 -11.46
N PHE A 27 -8.32 -7.20 -10.32
CA PHE A 27 -7.18 -6.34 -9.90
C PHE A 27 -5.83 -7.04 -10.00
N VAL A 28 -5.73 -8.29 -9.57
CA VAL A 28 -4.43 -8.98 -9.72
C VAL A 28 -4.10 -8.97 -11.21
N ARG A 29 -5.05 -9.43 -12.04
CA ARG A 29 -4.85 -9.48 -13.52
C ARG A 29 -4.41 -8.10 -14.01
N ALA A 30 -5.05 -7.05 -13.56
CA ALA A 30 -4.56 -5.70 -13.90
C ALA A 30 -3.11 -5.52 -13.43
N VAL A 31 -2.75 -5.97 -12.24
CA VAL A 31 -1.34 -5.76 -11.78
C VAL A 31 -0.41 -6.70 -12.55
N GLU A 32 -0.95 -7.85 -12.95
CA GLU A 32 -0.26 -8.95 -13.64
C GLU A 32 0.36 -8.51 -14.95
N ARG A 33 -0.27 -7.52 -15.60
CA ARG A 33 0.25 -6.95 -16.84
C ARG A 33 0.82 -5.58 -16.54
N ALA A 34 0.82 -5.15 -15.28
CA ALA A 34 1.56 -3.89 -15.04
C ALA A 34 3.02 -4.28 -14.83
N CYS A 35 3.26 -5.53 -14.46
CA CYS A 35 4.61 -6.10 -14.28
C CYS A 35 5.31 -6.53 -15.58
N SER A 36 4.63 -7.27 -16.48
CA SER A 36 5.18 -7.59 -17.83
C SER A 36 4.75 -6.14 -17.88
N GLU A 37 5.27 -5.43 -18.88
CA GLU A 37 5.30 -3.98 -19.17
C GLU A 37 6.43 -3.19 -18.49
N ARG A 38 7.28 -3.91 -17.76
CA ARG A 38 8.52 -3.37 -17.19
C ARG A 38 9.37 -4.59 -16.84
N GLY A 39 10.51 -4.41 -16.21
CA GLY A 39 11.34 -5.59 -15.96
C GLY A 39 10.64 -6.75 -15.25
N LEU A 40 9.75 -6.49 -14.31
CA LEU A 40 9.30 -7.54 -13.39
C LEU A 40 8.21 -8.54 -13.76
N ARG A 41 8.13 -9.55 -12.91
CA ARG A 41 7.11 -10.62 -13.02
C ARG A 41 6.38 -11.04 -11.74
N LEU A 42 5.10 -11.29 -11.86
CA LEU A 42 4.29 -11.59 -10.68
C LEU A 42 4.19 -13.09 -10.45
N THR A 43 5.10 -13.63 -9.61
CA THR A 43 5.06 -15.04 -9.24
C THR A 43 3.74 -15.38 -8.57
N PRO A 44 3.33 -16.66 -8.61
CA PRO A 44 2.13 -17.06 -7.86
C PRO A 44 2.14 -16.61 -6.42
N ILE A 45 3.30 -16.64 -5.78
CA ILE A 45 3.38 -16.20 -4.40
C ILE A 45 3.10 -14.71 -4.28
N ARG A 46 3.70 -13.89 -5.15
CA ARG A 46 3.41 -12.47 -5.11
C ARG A 46 1.95 -12.18 -5.44
N ALA A 47 1.36 -13.00 -6.32
CA ALA A 47 -0.01 -12.78 -6.73
C ALA A 47 -0.97 -13.15 -5.60
N ASN A 48 -0.68 -14.24 -4.88
CA ASN A 48 -1.52 -14.62 -3.76
C ASN A 48 -1.38 -13.67 -2.59
N VAL A 49 -0.19 -13.12 -2.37
CA VAL A 49 -0.05 -12.11 -1.33
C VAL A 49 -0.82 -10.86 -1.72
N LEU A 50 -0.62 -10.42 -2.97
CA LEU A 50 -1.31 -9.23 -3.46
C LEU A 50 -2.80 -9.42 -3.39
N ARG A 51 -3.28 -10.58 -3.87
CA ARG A 51 -4.70 -10.89 -3.87
C ARG A 51 -5.28 -10.85 -2.46
N LEU A 52 -4.60 -11.50 -1.50
CA LEU A 52 -5.06 -11.50 -0.12
C LEU A 52 -5.16 -10.07 0.42
N ILE A 53 -4.15 -9.24 0.18
CA ILE A 53 -4.21 -7.88 0.74
C ILE A 53 -5.35 -7.10 0.09
N ALA A 54 -5.48 -7.22 -1.23
CA ALA A 54 -6.52 -6.49 -1.96
C ALA A 54 -7.94 -6.89 -1.50
N ASP A 55 -8.13 -8.13 -1.09
CA ASP A 55 -9.43 -8.69 -0.72
C ASP A 55 -9.85 -8.32 0.70
N ALA A 56 -8.93 -7.86 1.54
CA ALA A 56 -9.27 -7.68 2.94
C ALA A 56 -10.12 -6.42 3.20
N GLY A 57 -9.88 -5.34 2.48
CA GLY A 57 -10.71 -4.16 2.75
C GLY A 57 -10.62 -3.59 4.16
N LYS A 58 -9.55 -3.90 4.89
CA LYS A 58 -9.00 -3.09 5.95
C LYS A 58 -7.50 -3.34 5.89
N PRO A 59 -6.66 -2.48 6.48
CA PRO A 59 -5.20 -2.74 6.45
C PRO A 59 -4.89 -4.07 7.11
N VAL A 60 -3.95 -4.77 6.53
CA VAL A 60 -3.62 -6.13 6.93
C VAL A 60 -2.31 -6.12 7.71
N LYS A 61 -2.26 -6.79 8.86
CA LYS A 61 -1.02 -6.97 9.58
C LYS A 61 -0.19 -8.05 8.91
N ALA A 62 1.13 -7.90 8.98
CA ALA A 62 2.00 -8.94 8.41
C ALA A 62 1.67 -10.32 8.94
N TYR A 63 1.51 -10.48 10.28
CA TYR A 63 1.20 -11.83 10.78
C TYR A 63 -0.17 -12.33 10.33
N GLU A 64 -1.10 -11.44 10.03
CA GLU A 64 -2.35 -11.93 9.47
C GLU A 64 -2.13 -12.45 8.06
N LEU A 65 -1.30 -11.76 7.30
CA LEU A 65 -1.07 -12.22 5.93
C LEU A 65 -0.45 -13.61 5.92
N LEU A 66 0.48 -13.85 6.85
CA LEU A 66 1.09 -15.18 6.91
C LEU A 66 0.09 -16.25 7.29
N ASP A 67 -0.69 -16.01 8.35
CA ASP A 67 -1.84 -16.87 8.65
C ASP A 67 -2.63 -17.19 7.39
N TRP A 68 -3.08 -16.17 6.66
CA TRP A 68 -3.96 -16.46 5.51
C TRP A 68 -3.25 -17.08 4.31
N VAL A 69 -1.92 -16.91 4.22
CA VAL A 69 -1.18 -17.52 3.12
C VAL A 69 -0.80 -18.95 3.49
N ARG A 70 -1.00 -19.32 4.75
CA ARG A 70 -1.01 -20.69 5.22
C ARG A 70 -2.33 -21.46 5.13
N GLU A 71 -3.40 -20.76 4.77
CA GLU A 71 -4.73 -21.37 4.58
C GLU A 71 -4.82 -22.87 4.65
N ALA A 77 2.86 -25.57 2.87
CA ALA A 77 2.66 -24.12 2.95
C ALA A 77 3.99 -23.37 2.80
N ASP A 78 3.95 -22.10 2.40
CA ASP A 78 5.17 -21.37 2.07
C ASP A 78 5.96 -21.02 3.33
N ALA A 79 7.29 -21.13 3.23
CA ALA A 79 8.13 -20.64 4.31
C ALA A 79 7.90 -19.14 4.49
N PRO A 80 7.89 -18.64 5.72
CA PRO A 80 7.54 -17.24 5.95
C PRO A 80 8.44 -16.28 5.21
N PRO A 81 9.77 -16.46 5.20
CA PRO A 81 10.60 -15.46 4.49
C PRO A 81 10.30 -15.36 3.00
N THR A 82 9.63 -16.38 2.44
CA THR A 82 9.20 -16.30 1.04
C THR A 82 8.07 -15.29 0.88
N VAL A 83 7.04 -15.38 1.75
CA VAL A 83 5.99 -14.36 1.72
C VAL A 83 6.54 -12.98 2.07
N TYR A 84 7.54 -12.90 2.95
CA TYR A 84 7.99 -11.57 3.31
C TYR A 84 8.77 -10.91 2.17
N ARG A 85 9.45 -11.69 1.34
CA ARG A 85 10.10 -11.11 0.18
C ARG A 85 9.10 -10.79 -0.93
N ALA A 86 8.03 -11.57 -1.04
CA ALA A 86 6.95 -11.19 -1.96
C ALA A 86 6.32 -9.86 -1.56
N LEU A 87 6.07 -9.68 -0.25
CA LEU A 87 5.60 -8.39 0.24
C LEU A 87 6.58 -7.24 -0.08
N ASP A 88 7.88 -7.43 0.18
CA ASP A 88 8.86 -6.39 -0.18
C ASP A 88 8.77 -6.01 -1.66
N PHE A 89 8.67 -7.02 -2.53
CA PHE A 89 8.56 -6.75 -3.96
C PHE A 89 7.35 -5.88 -4.25
N LEU A 90 6.19 -6.26 -3.71
CA LEU A 90 4.98 -5.48 -3.89
C LEU A 90 5.19 -4.03 -3.42
N MET A 91 5.91 -3.83 -2.33
CA MET A 91 6.04 -2.47 -1.81
C MET A 91 7.02 -1.65 -2.67
N ALA A 92 8.13 -2.25 -3.08
CA ALA A 92 9.14 -1.47 -3.78
C ALA A 92 8.62 -0.99 -5.13
N ASN A 93 7.72 -1.76 -5.72
CA ASN A 93 7.07 -1.47 -6.99
C ASN A 93 5.74 -0.72 -6.84
N GLY A 94 5.39 -0.32 -5.63
CA GLY A 94 4.22 0.51 -5.43
C GLY A 94 2.88 -0.16 -5.59
N PHE A 95 2.82 -1.49 -5.54
CA PHE A 95 1.53 -2.18 -5.57
C PHE A 95 0.87 -2.32 -4.20
N VAL A 96 1.64 -2.13 -3.13
CA VAL A 96 1.15 -2.26 -1.75
C VAL A 96 1.76 -1.12 -0.98
N HIS A 97 1.01 -0.50 -0.10
CA HIS A 97 1.54 0.56 0.73
C HIS A 97 1.61 0.06 2.15
N LYS A 98 2.69 0.40 2.84
CA LYS A 98 2.75 0.19 4.26
C LYS A 98 2.33 1.47 4.94
N LEU A 99 1.29 1.38 5.77
CA LEU A 99 0.81 2.51 6.57
C LEU A 99 1.62 2.56 7.86
N GLU A 100 2.44 3.59 8.02
CA GLU A 100 3.36 3.60 9.15
C GLU A 100 2.67 3.80 10.47
N SER A 101 1.55 4.53 10.52
CA SER A 101 1.00 4.78 11.85
C SER A 101 0.19 3.62 12.40
N VAL A 102 -0.19 2.63 11.58
CA VAL A 102 -0.88 1.44 12.10
C VAL A 102 -0.11 0.16 11.83
N ASN A 103 1.07 0.25 11.20
CA ASN A 103 1.95 -0.89 10.94
C ASN A 103 1.20 -1.98 10.20
N ALA A 104 0.60 -1.61 9.05
CA ALA A 104 -0.29 -2.50 8.32
C ALA A 104 -0.22 -2.12 6.85
N PHE A 105 -0.70 -3.02 6.01
CA PHE A 105 -0.48 -2.95 4.56
C PHE A 105 -1.81 -2.87 3.85
N VAL A 106 -1.83 -2.18 2.70
CA VAL A 106 -3.05 -2.00 1.92
C VAL A 106 -2.62 -2.07 0.46
N ALA A 107 -3.51 -2.54 -0.40
CA ALA A 107 -3.18 -2.60 -1.81
C ALA A 107 -3.30 -1.19 -2.40
N CYS A 108 -2.43 -0.88 -3.35
CA CYS A 108 -2.60 0.39 -4.03
C CYS A 108 -3.77 0.32 -5.01
N HIS A 109 -4.69 1.26 -4.86
CA HIS A 109 -5.92 1.34 -5.64
C HIS A 109 -5.64 1.61 -7.14
N HIS A 110 -4.55 2.36 -7.48
CA HIS A 110 -4.09 2.56 -8.87
C HIS A 110 -2.61 2.25 -8.93
N PRO A 111 -2.26 1.13 -9.58
CA PRO A 111 -0.98 0.47 -9.28
C PRO A 111 0.13 1.00 -10.17
N ASN A 112 -0.19 1.37 -11.43
CA ASN A 112 0.93 1.78 -12.30
C ASN A 112 0.86 3.27 -11.91
N SER A 113 1.32 3.75 -10.76
CA SER A 113 1.48 5.19 -10.56
C SER A 113 2.96 5.07 -10.18
N ALA A 114 3.63 3.99 -10.63
CA ALA A 114 4.98 3.62 -10.22
C ALA A 114 5.00 3.52 -8.70
N GLN A 115 6.03 4.07 -8.05
CA GLN A 115 5.97 4.28 -6.61
C GLN A 115 5.78 5.77 -6.41
N HIS A 116 5.07 6.12 -5.35
CA HIS A 116 4.50 7.45 -5.26
C HIS A 116 4.20 7.71 -3.81
N SER A 117 4.10 8.99 -3.50
CA SER A 117 3.73 9.44 -2.17
C SER A 117 2.33 10.03 -2.26
N VAL A 118 1.46 9.60 -1.34
CA VAL A 118 0.05 10.03 -1.37
C VAL A 118 -0.51 10.07 0.04
N PRO A 119 -1.44 10.95 0.33
CA PRO A 119 -2.14 10.92 1.61
C PRO A 119 -3.08 9.73 1.71
N PHE A 120 -3.22 9.29 2.94
CA PHE A 120 -4.21 8.33 3.40
C PHE A 120 -5.03 8.94 4.51
N LEU A 121 -6.36 8.73 4.44
CA LEU A 121 -7.26 9.02 5.55
C LEU A 121 -7.47 7.73 6.31
N ILE A 122 -7.09 7.69 7.58
CA ILE A 122 -7.14 6.46 8.35
C ILE A 122 -8.06 6.70 9.53
N CYS A 123 -9.18 5.96 9.58
CA CYS A 123 -10.14 6.22 10.63
C CYS A 123 -9.56 5.67 11.93
N ASP A 124 -9.60 6.47 12.99
CA ASP A 124 -9.13 6.01 14.29
C ASP A 124 -9.98 4.86 14.84
N ARG A 125 -11.28 4.80 14.51
CA ARG A 125 -12.16 3.87 15.22
C ARG A 125 -12.34 2.55 14.46
N CYS A 126 -12.63 2.59 13.17
CA CYS A 126 -12.91 1.38 12.39
C CYS A 126 -11.70 0.95 11.56
N HIS A 127 -10.65 1.77 11.53
CA HIS A 127 -9.34 1.50 10.92
C HIS A 127 -9.40 1.45 9.40
N SER A 128 -10.49 1.86 8.76
CA SER A 128 -10.46 1.96 7.31
C SER A 128 -9.38 2.95 6.88
N ALA A 129 -8.87 2.75 5.64
CA ALA A 129 -7.84 3.62 5.09
C ALA A 129 -8.20 3.98 3.67
N VAL A 130 -8.24 5.26 3.38
CA VAL A 130 -8.59 5.71 2.04
C VAL A 130 -7.37 6.38 1.44
N GLU A 131 -7.01 5.99 0.22
CA GLU A 131 -5.83 6.48 -0.46
C GLU A 131 -6.24 7.60 -1.40
N LEU A 132 -5.65 8.79 -1.23
CA LEU A 132 -5.92 9.90 -2.11
C LEU A 132 -4.73 10.09 -3.06
N GLU A 133 -4.83 11.07 -3.92
CA GLU A 133 -3.68 11.59 -4.65
C GLU A 133 -3.62 13.11 -4.73
N ASP A 134 -2.62 13.73 -4.07
CA ASP A 134 -2.48 15.20 -4.08
C ASP A 134 -1.04 15.47 -4.53
N ARG A 135 -0.90 16.13 -5.67
CA ARG A 135 0.41 16.46 -6.17
C ARG A 135 0.74 17.82 -5.60
N ASP A 136 -0.25 18.67 -5.31
CA ASP A 136 0.08 19.96 -4.71
C ASP A 136 0.71 19.78 -3.32
N VAL A 137 0.11 18.95 -2.49
CA VAL A 137 0.63 18.73 -1.13
C VAL A 137 2.03 18.15 -1.18
N VAL A 138 2.24 17.13 -2.04
CA VAL A 138 3.55 16.46 -2.06
C VAL A 138 4.62 17.43 -2.60
N SER A 139 4.24 18.23 -3.60
CA SER A 139 5.14 19.24 -4.19
C SER A 139 5.51 20.33 -3.20
N GLN A 140 4.53 20.81 -2.44
CA GLN A 140 4.81 21.80 -1.42
C GLN A 140 5.81 21.28 -0.41
N LEU A 141 5.62 20.04 0.10
CA LEU A 141 6.54 19.50 1.08
C LEU A 141 7.91 19.23 0.49
N GLU A 142 7.99 18.88 -0.80
CA GLU A 142 9.29 18.82 -1.45
C GLU A 142 9.99 20.18 -1.45
N ALA A 143 9.28 21.22 -1.88
CA ALA A 143 9.87 22.56 -1.88
C ALA A 143 10.34 22.97 -0.50
N ARG A 144 9.52 22.69 0.54
CA ARG A 144 9.94 23.01 1.90
C ARG A 144 11.25 22.34 2.23
N ALA A 145 11.34 21.03 1.90
CA ALA A 145 12.55 20.26 2.17
C ALA A 145 13.74 20.82 1.43
N LYS A 146 13.58 21.11 0.12
CA LYS A 146 14.73 21.49 -0.68
C LYS A 146 15.24 22.87 -0.30
N ALA A 147 14.38 23.71 0.25
CA ALA A 147 14.79 25.06 0.65
C ALA A 147 15.63 25.03 1.93
N LEU A 148 15.65 23.90 2.65
CA LEU A 148 16.58 23.68 3.75
C LEU A 148 17.71 22.74 3.37
N GLY A 149 17.91 22.46 2.09
CA GLY A 149 19.02 21.59 1.75
C GLY A 149 18.72 20.10 1.87
N PHE A 150 17.55 19.73 2.37
CA PHE A 150 17.19 18.31 2.50
C PHE A 150 16.77 17.76 1.14
N GLN A 151 17.26 16.57 0.78
CA GLN A 151 16.92 16.02 -0.53
C GLN A 151 15.79 14.98 -0.34
N PRO A 152 14.54 15.34 -0.60
CA PRO A 152 13.40 14.47 -0.23
C PRO A 152 12.84 13.41 -1.18
N GLN A 153 12.88 12.17 -0.70
CA GLN A 153 12.32 11.04 -1.43
C GLN A 153 11.04 10.22 -1.40
N ALA A 154 10.46 9.99 -0.24
CA ALA A 154 9.20 9.25 -0.16
C ALA A 154 8.67 10.03 1.04
N GLN A 155 7.37 10.37 0.99
CA GLN A 155 6.67 10.97 2.11
C GLN A 155 5.60 10.10 2.74
N THR A 156 5.50 10.15 4.09
CA THR A 156 4.47 9.46 4.84
C THR A 156 3.45 10.51 5.21
N LEU A 157 2.23 10.39 4.67
CA LEU A 157 1.17 11.38 4.84
C LEU A 157 -0.05 10.59 5.28
N GLU A 158 -0.39 10.68 6.54
CA GLU A 158 -1.51 9.89 7.04
C GLU A 158 -2.39 10.81 7.88
N VAL A 159 -3.62 10.98 7.48
CA VAL A 159 -4.52 11.87 8.20
C VAL A 159 -5.36 11.02 9.14
N HIS A 160 -5.38 11.37 10.42
CA HIS A 160 -6.18 10.66 11.41
C HIS A 160 -7.46 11.41 11.77
N GLY A 161 -8.37 10.68 12.38
CA GLY A 161 -9.69 11.21 12.73
C GLY A 161 -10.72 10.10 12.53
N LEU A 162 -11.93 10.51 12.14
CA LEU A 162 -13.05 9.58 12.01
C LEU A 162 -13.62 9.62 10.60
N CYS A 163 -13.86 8.44 10.04
CA CYS A 163 -14.54 8.42 8.74
C CYS A 163 -16.01 8.86 8.91
N ALA A 164 -16.68 9.13 7.77
CA ALA A 164 -18.05 9.63 7.84
C ALA A 164 -18.96 8.70 8.63
N LYS A 165 -18.82 7.39 8.42
CA LYS A 165 -19.71 6.45 9.14
C LYS A 165 -19.52 6.57 10.65
N CYS A 166 -18.27 6.57 11.11
CA CYS A 166 -18.03 6.62 12.53
C CYS A 166 -18.37 7.98 13.13
N ALA A 167 -18.11 9.08 12.40
CA ALA A 167 -18.50 10.39 12.90
C ALA A 167 -20.01 10.51 13.06
N ALA A 168 -20.77 9.83 12.22
CA ALA A 168 -22.22 9.90 12.31
C ALA A 168 -22.79 9.02 13.43
N ALA A 169 -22.10 7.95 13.81
CA ALA A 169 -22.48 7.09 14.95
C ALA A 169 -22.27 7.84 16.26
ZN ZN B . -0.98 3.78 -4.32
ZN ZN C . -14.51 4.67 10.71
#